data_5LYX
#
_entry.id   5LYX
#
_cell.length_a   89.215
_cell.length_b   99.944
_cell.length_c   100.930
_cell.angle_alpha   90.000
_cell.angle_beta   90.000
_cell.angle_gamma   90.000
#
_symmetry.space_group_name_H-M   'C 2 2 21'
#
loop_
_entity.id
_entity.type
_entity.pdbx_description
1 polymer 'Methionine aminopeptidase 2'
2 non-polymer 5-[[(2~{R})-1-([1,2,4]triazolo[1,5-a]pyrimidin-7-yl)pyrrolidin-2-yl]methoxy]isoquinoline
3 non-polymer 'MANGANESE (II) ION'
4 water water
#
_entity_poly.entity_id   1
_entity_poly.type   'polypeptide(L)'
_entity_poly.pdbx_seq_one_letter_code
;MGPKVQTDPPSVPICDLYPNGVFPKGQECEYPPTQDGRTAAWRTTSEEKKALDQASEEIWNDFREAAEAHRQVRKYVMSW
IKPGMTMIEICEKLEDCSRKLIKENGLNAGLAFPTGCSLNNCAAHYTPNAGDTTVLQYDDICKIDFGTHISGRIIDCAFT
VTFNPKYDTLLKAVKDATNTGIKCAGIDVRLCDVGEAIQEVMESYEVEIDGKTYQVKPIRNLNGHSIGQYRIHAGKTVPI
VKGGEATRMEEGEVYAIETFGSTGKGVVHDDMECSHYMKNFDVGHVPIRLPRTKHLLNVINENFGTLAFCRRWLDRLGES
KYLMALKNLCDLGIVDPYPPLCDIKGSYTAQFEHTILLRPTCKEVVSRGDDYHHHHHH
;
_entity_poly.pdbx_strand_id   A
#
loop_
_chem_comp.id
_chem_comp.type
_chem_comp.name
_chem_comp.formula
7BF non-polymer 5-[[(2~{R})-1-([1,2,4]triazolo[1,5-a]pyrimidin-7-yl)pyrrolidin-2-yl]methoxy]isoquinoline 'C19 H18 N6 O'
MN non-polymer 'MANGANESE (II) ION' 'Mn 2'
#
# COMPACT_ATOMS: atom_id res chain seq x y z
N LYS A 4 -16.85 -23.35 3.38
CA LYS A 4 -17.95 -23.24 2.42
C LYS A 4 -18.13 -21.80 1.93
N VAL A 5 -19.07 -21.03 2.54
CA VAL A 5 -19.33 -19.63 2.20
C VAL A 5 -18.72 -18.70 3.29
N GLN A 6 -18.42 -17.43 2.95
CA GLN A 6 -17.86 -16.48 3.91
C GLN A 6 -18.92 -16.02 4.92
N THR A 7 -18.57 -16.01 6.21
CA THR A 7 -19.47 -15.61 7.32
C THR A 7 -19.72 -14.09 7.28
N ASP A 8 -20.89 -13.60 7.82
CA ASP A 8 -21.29 -12.17 7.86
C ASP A 8 -20.10 -11.35 8.35
N PRO A 9 -19.59 -11.48 9.61
CA PRO A 9 -18.28 -10.87 9.91
C PRO A 9 -17.24 -11.86 9.35
N PRO A 10 -16.41 -11.50 8.33
CA PRO A 10 -15.49 -12.50 7.73
C PRO A 10 -14.53 -13.17 8.71
N SER A 11 -14.46 -14.52 8.64
CA SER A 11 -13.58 -15.32 9.51
C SER A 11 -12.98 -16.53 8.78
N VAL A 12 -13.56 -16.94 7.64
CA VAL A 12 -13.10 -18.10 6.86
C VAL A 12 -11.89 -17.72 5.98
N PRO A 13 -10.72 -18.38 6.14
CA PRO A 13 -9.57 -18.03 5.28
C PRO A 13 -9.86 -18.21 3.79
N ILE A 14 -9.27 -17.33 2.93
CA ILE A 14 -9.47 -17.41 1.48
C ILE A 14 -9.15 -18.83 0.95
N CYS A 15 -8.03 -19.40 1.43
CA CYS A 15 -7.59 -20.76 1.08
C CYS A 15 -8.74 -21.80 1.19
N ASP A 16 -9.60 -21.69 2.22
CA ASP A 16 -10.73 -22.61 2.43
C ASP A 16 -11.94 -22.34 1.53
N LEU A 17 -12.09 -21.09 1.04
CA LEU A 17 -13.19 -20.70 0.15
C LEU A 17 -12.93 -21.18 -1.28
N TYR A 18 -11.67 -21.53 -1.61
CA TYR A 18 -11.30 -22.03 -2.93
C TYR A 18 -10.60 -23.40 -2.75
N PRO A 19 -11.41 -24.49 -2.59
CA PRO A 19 -10.83 -25.82 -2.32
C PRO A 19 -9.80 -26.38 -3.31
N ASN A 20 -9.88 -25.98 -4.59
CA ASN A 20 -8.98 -26.42 -5.67
C ASN A 20 -7.63 -25.67 -5.65
N GLY A 21 -7.54 -24.61 -4.86
CA GLY A 21 -6.35 -23.77 -4.71
C GLY A 21 -6.11 -22.81 -5.86
N VAL A 22 -7.18 -22.50 -6.61
CA VAL A 22 -7.14 -21.58 -7.75
C VAL A 22 -7.92 -20.34 -7.34
N PHE A 23 -7.18 -19.23 -7.16
CA PHE A 23 -7.75 -17.98 -6.69
C PHE A 23 -8.21 -17.06 -7.84
N PRO A 24 -9.26 -16.23 -7.63
CA PRO A 24 -9.80 -15.43 -8.74
C PRO A 24 -8.86 -14.35 -9.27
N LYS A 25 -8.85 -14.17 -10.60
CA LYS A 25 -8.03 -13.15 -11.25
C LYS A 25 -8.62 -11.76 -11.00
N GLY A 26 -7.77 -10.74 -11.02
CA GLY A 26 -8.19 -9.35 -10.94
C GLY A 26 -8.65 -8.92 -12.33
N GLN A 27 -8.86 -7.61 -12.53
CA GLN A 27 -9.27 -7.08 -13.83
C GLN A 27 -8.13 -7.22 -14.85
N GLU A 28 -8.36 -7.90 -15.99
CA GLU A 28 -7.35 -8.06 -17.04
C GLU A 28 -7.57 -7.01 -18.14
N CYS A 29 -6.49 -6.30 -18.48
CA CYS A 29 -6.47 -5.22 -19.45
C CYS A 29 -5.45 -5.46 -20.54
N GLU A 30 -5.79 -5.01 -21.75
CA GLU A 30 -4.86 -5.04 -22.87
C GLU A 30 -3.92 -3.87 -22.63
N TYR A 31 -2.63 -4.01 -22.97
CA TYR A 31 -1.66 -2.92 -22.76
C TYR A 31 -2.00 -1.68 -23.60
N PRO A 32 -1.64 -0.45 -23.14
CA PRO A 32 -1.95 0.75 -23.97
C PRO A 32 -1.22 0.71 -25.32
N PRO A 33 -1.80 1.32 -26.40
CA PRO A 33 -1.12 1.27 -27.70
C PRO A 33 0.28 1.89 -27.69
N THR A 34 1.19 1.29 -28.48
CA THR A 34 2.58 1.68 -28.65
C THR A 34 2.66 2.95 -29.52
N GLN A 35 2.90 4.11 -28.87
CA GLN A 35 3.04 5.40 -29.56
C GLN A 35 4.26 5.38 -30.51
N ASP A 36 4.12 5.69 -31.83
CA ASP A 36 3.00 6.23 -32.64
C ASP A 36 1.58 5.72 -32.30
N GLY A 37 1.25 4.47 -32.66
CA GLY A 37 -0.09 3.92 -32.41
C GLY A 37 -0.30 2.45 -32.70
N ARG A 38 0.76 1.62 -32.57
CA ARG A 38 0.70 0.17 -32.80
C ARG A 38 -0.05 -0.53 -31.66
N THR A 39 -0.87 -1.54 -31.98
CA THR A 39 -1.65 -2.27 -30.98
C THR A 39 -0.76 -3.24 -30.14
N ALA A 40 -1.18 -3.53 -28.90
CA ALA A 40 -0.47 -4.43 -27.99
C ALA A 40 -1.24 -5.77 -27.81
N ALA A 41 -2.37 -5.93 -28.53
CA ALA A 41 -3.26 -7.11 -28.53
C ALA A 41 -2.54 -8.42 -28.86
N TRP A 42 -1.48 -8.38 -29.71
CA TRP A 42 -0.69 -9.56 -30.10
C TRP A 42 -0.19 -10.42 -28.91
N ARG A 43 0.09 -9.77 -27.75
CA ARG A 43 0.57 -10.43 -26.52
C ARG A 43 -0.37 -11.52 -25.98
N THR A 44 -1.69 -11.26 -26.03
CA THR A 44 -2.73 -12.16 -25.53
C THR A 44 -2.84 -13.49 -26.31
N THR A 45 -2.19 -13.59 -27.48
CA THR A 45 -2.31 -14.73 -28.37
C THR A 45 -1.00 -15.53 -28.61
N SER A 46 0.19 -14.95 -28.28
CA SER A 46 1.51 -15.60 -28.47
C SER A 46 1.63 -16.93 -27.71
N LYS A 49 4.56 -15.57 -25.32
CA LYS A 49 4.07 -14.82 -24.17
C LYS A 49 3.23 -15.68 -23.23
N LYS A 50 2.41 -16.61 -23.78
CA LYS A 50 1.60 -17.54 -22.97
C LYS A 50 2.52 -18.47 -22.18
N ALA A 51 3.59 -19.00 -22.83
CA ALA A 51 4.58 -19.86 -22.17
C ALA A 51 5.26 -19.12 -21.01
N LEU A 52 5.70 -17.86 -21.24
CA LEU A 52 6.33 -16.98 -20.24
C LEU A 52 5.37 -16.63 -19.08
N ASP A 53 4.08 -16.49 -19.40
CA ASP A 53 3.03 -16.18 -18.41
C ASP A 53 2.72 -17.40 -17.55
N GLN A 54 2.64 -18.58 -18.19
CA GLN A 54 2.38 -19.89 -17.57
C GLN A 54 3.49 -20.27 -16.59
N ALA A 55 4.77 -19.93 -16.92
CA ALA A 55 5.95 -20.19 -16.10
C ALA A 55 5.88 -19.55 -14.72
N SER A 56 5.19 -18.39 -14.62
CA SER A 56 5.03 -17.62 -13.38
C SER A 56 3.62 -17.73 -12.75
N GLU A 57 2.82 -18.74 -13.18
CA GLU A 57 1.45 -18.96 -12.72
C GLU A 57 1.32 -19.07 -11.19
N GLU A 58 2.25 -19.80 -10.54
CA GLU A 58 2.25 -19.95 -9.08
C GLU A 58 2.41 -18.59 -8.39
N ILE A 59 3.25 -17.69 -8.97
CA ILE A 59 3.49 -16.33 -8.50
C ILE A 59 2.21 -15.51 -8.63
N TRP A 60 1.54 -15.51 -9.82
CA TRP A 60 0.30 -14.75 -10.00
C TRP A 60 -0.80 -15.29 -9.10
N ASN A 61 -0.84 -16.62 -8.89
CA ASN A 61 -1.84 -17.28 -8.03
C ASN A 61 -1.71 -16.85 -6.55
N ASP A 62 -0.46 -16.62 -6.08
CA ASP A 62 -0.17 -16.13 -4.72
C ASP A 62 -0.64 -14.69 -4.57
N PHE A 63 -0.36 -13.84 -5.57
CA PHE A 63 -0.84 -12.44 -5.53
C PHE A 63 -2.37 -12.42 -5.50
N ARG A 64 -3.04 -13.34 -6.26
CA ARG A 64 -4.51 -13.42 -6.33
C ARG A 64 -5.16 -13.80 -5.00
N GLU A 65 -4.58 -14.77 -4.27
CA GLU A 65 -5.07 -15.16 -2.95
C GLU A 65 -4.99 -13.96 -1.99
N ALA A 66 -3.83 -13.27 -1.99
CA ALA A 66 -3.62 -12.08 -1.16
C ALA A 66 -4.60 -10.96 -1.53
N ALA A 67 -4.89 -10.81 -2.85
CA ALA A 67 -5.81 -9.78 -3.36
C ALA A 67 -7.27 -10.04 -2.95
N GLU A 68 -7.66 -11.32 -2.88
CA GLU A 68 -9.03 -11.73 -2.48
C GLU A 68 -9.23 -11.48 -0.99
N ALA A 69 -8.20 -11.77 -0.19
CA ALA A 69 -8.18 -11.46 1.25
C ALA A 69 -8.35 -9.94 1.40
N HIS A 70 -7.56 -9.14 0.63
CA HIS A 70 -7.61 -7.67 0.69
C HIS A 70 -9.01 -7.11 0.39
N ARG A 71 -9.66 -7.61 -0.70
CA ARG A 71 -11.01 -7.17 -1.10
C ARG A 71 -12.03 -7.41 0.01
N GLN A 72 -12.04 -8.63 0.58
CA GLN A 72 -13.00 -9.01 1.63
C GLN A 72 -12.75 -8.23 2.94
N VAL A 73 -11.48 -7.95 3.27
CA VAL A 73 -11.16 -7.12 4.45
C VAL A 73 -11.68 -5.69 4.22
N ARG A 74 -11.39 -5.09 3.06
CA ARG A 74 -11.80 -3.69 2.88
C ARG A 74 -13.33 -3.52 2.77
N LYS A 75 -14.04 -4.53 2.23
CA LYS A 75 -15.51 -4.48 2.17
C LYS A 75 -16.06 -4.54 3.61
N TYR A 76 -15.45 -5.37 4.47
CA TYR A 76 -15.79 -5.48 5.90
C TYR A 76 -15.49 -4.12 6.58
N VAL A 77 -14.28 -3.54 6.38
CA VAL A 77 -13.92 -2.23 6.98
C VAL A 77 -14.95 -1.14 6.63
N MET A 78 -15.36 -1.04 5.34
CA MET A 78 -16.33 -0.02 4.88
C MET A 78 -17.69 -0.12 5.57
N SER A 79 -18.05 -1.31 6.05
CA SER A 79 -19.32 -1.56 6.73
C SER A 79 -19.39 -1.08 8.20
N TRP A 80 -18.23 -0.87 8.86
CA TRP A 80 -18.27 -0.48 10.28
C TRP A 80 -17.41 0.76 10.61
N ILE A 81 -16.47 1.15 9.73
CA ILE A 81 -15.61 2.29 10.07
C ILE A 81 -16.45 3.54 10.31
N LYS A 82 -16.35 4.12 11.50
CA LYS A 82 -17.20 5.26 11.83
C LYS A 82 -16.47 6.23 12.73
N PRO A 83 -16.85 7.53 12.72
CA PRO A 83 -16.25 8.46 13.69
C PRO A 83 -16.66 8.03 15.10
N GLY A 84 -15.79 8.30 16.07
CA GLY A 84 -16.00 7.91 17.47
C GLY A 84 -15.10 6.77 17.84
N MET A 85 -14.71 5.96 16.85
CA MET A 85 -13.83 4.82 17.13
C MET A 85 -12.40 5.35 17.33
N THR A 86 -11.63 4.73 18.23
CA THR A 86 -10.23 5.11 18.35
C THR A 86 -9.46 4.56 17.12
N MET A 87 -8.36 5.19 16.76
CA MET A 87 -7.53 4.66 15.65
C MET A 87 -7.00 3.25 15.96
N ILE A 88 -6.70 2.97 17.24
CA ILE A 88 -6.22 1.66 17.70
C ILE A 88 -7.29 0.59 17.39
N GLU A 89 -8.56 0.81 17.82
CA GLU A 89 -9.62 -0.17 17.57
C GLU A 89 -9.86 -0.41 16.08
N ILE A 90 -9.78 0.64 15.24
CA ILE A 90 -9.93 0.52 13.77
C ILE A 90 -8.82 -0.42 13.27
N CYS A 91 -7.55 -0.14 13.65
CA CYS A 91 -6.42 -0.95 13.18
C CYS A 91 -6.48 -2.39 13.66
N GLU A 92 -6.84 -2.60 14.94
CA GLU A 92 -6.91 -3.93 15.51
C GLU A 92 -8.02 -4.77 14.91
N LYS A 93 -9.19 -4.15 14.63
CA LYS A 93 -10.34 -4.86 14.03
C LYS A 93 -10.00 -5.28 12.59
N LEU A 94 -9.41 -4.34 11.82
CA LEU A 94 -8.97 -4.58 10.46
C LEU A 94 -7.91 -5.71 10.43
N GLU A 95 -6.84 -5.59 11.26
CA GLU A 95 -5.76 -6.58 11.29
C GLU A 95 -6.20 -7.96 11.74
N ASP A 96 -7.14 -8.06 12.71
N ASP A 96 -7.15 -8.05 12.70
CA ASP A 96 -7.68 -9.34 13.20
CA ASP A 96 -7.69 -9.33 13.19
C ASP A 96 -8.39 -10.07 12.05
C ASP A 96 -8.38 -10.07 12.04
N CYS A 97 -9.14 -9.31 11.22
CA CYS A 97 -9.85 -9.87 10.05
C CYS A 97 -8.82 -10.29 9.00
N SER A 98 -7.81 -9.45 8.74
N SER A 98 -7.81 -9.45 8.76
CA SER A 98 -6.76 -9.75 7.77
CA SER A 98 -6.73 -9.69 7.81
C SER A 98 -5.99 -11.01 8.13
C SER A 98 -5.96 -10.97 8.14
N ARG A 99 -5.57 -11.16 9.43
CA ARG A 99 -4.84 -12.35 9.92
C ARG A 99 -5.63 -13.63 9.66
N LYS A 100 -6.94 -13.60 9.95
CA LYS A 100 -7.85 -14.74 9.76
C LYS A 100 -8.01 -15.11 8.27
N LEU A 101 -8.29 -14.11 7.39
CA LEU A 101 -8.53 -14.38 5.96
C LEU A 101 -7.28 -14.78 5.19
N ILE A 102 -6.11 -14.20 5.54
CA ILE A 102 -4.85 -14.54 4.86
C ILE A 102 -4.29 -15.88 5.40
N LYS A 103 -4.87 -16.39 6.52
CA LYS A 103 -4.44 -17.59 7.26
C LYS A 103 -2.96 -17.39 7.63
N GLU A 104 -2.69 -16.37 8.47
CA GLU A 104 -1.35 -15.97 8.90
C GLU A 104 -0.51 -17.17 9.37
N ASN A 105 0.67 -17.34 8.75
CA ASN A 105 1.56 -18.46 9.00
C ASN A 105 3.02 -18.02 8.86
N GLY A 106 3.52 -17.35 9.90
CA GLY A 106 4.87 -16.82 9.93
C GLY A 106 5.19 -15.99 8.69
N LEU A 107 6.35 -16.25 8.07
CA LEU A 107 6.76 -15.54 6.84
C LEU A 107 6.11 -16.09 5.56
N ASN A 108 5.38 -17.23 5.65
CA ASN A 108 4.71 -17.83 4.48
C ASN A 108 3.43 -17.12 4.05
N ALA A 109 2.70 -16.51 4.98
CA ALA A 109 1.44 -15.78 4.72
C ALA A 109 1.17 -14.84 5.88
N GLY A 110 0.71 -13.63 5.57
CA GLY A 110 0.43 -12.67 6.61
C GLY A 110 0.22 -11.25 6.17
N LEU A 111 0.48 -10.32 7.09
CA LEU A 111 0.32 -8.89 6.87
C LEU A 111 1.63 -8.38 6.30
N ALA A 112 1.58 -7.69 5.15
CA ALA A 112 2.81 -7.23 4.46
C ALA A 112 3.40 -5.96 5.07
N PHE A 113 2.60 -5.22 5.82
CA PHE A 113 3.04 -3.98 6.45
C PHE A 113 1.97 -3.46 7.38
N PRO A 114 2.28 -2.53 8.32
CA PRO A 114 1.24 -2.09 9.26
C PRO A 114 0.09 -1.34 8.58
N THR A 115 -1.09 -1.33 9.23
CA THR A 115 -2.26 -0.61 8.69
C THR A 115 -2.04 0.89 8.84
N GLY A 116 -1.91 1.57 7.71
CA GLY A 116 -1.85 3.03 7.69
C GLY A 116 -3.28 3.52 7.88
N CYS A 117 -3.46 4.58 8.68
CA CYS A 117 -4.79 5.20 8.90
C CYS A 117 -4.58 6.69 9.07
N SER A 118 -3.64 7.24 8.28
CA SER A 118 -3.17 8.62 8.27
C SER A 118 -4.33 9.61 8.07
N LEU A 119 -4.35 10.65 8.93
CA LEU A 119 -5.42 11.60 8.96
C LEU A 119 -5.07 12.99 8.50
N ASN A 120 -6.00 13.57 7.73
CA ASN A 120 -6.03 14.99 7.35
C ASN A 120 -4.77 15.42 6.58
N ASN A 121 -3.89 16.28 7.16
CA ASN A 121 -2.65 16.70 6.48
C ASN A 121 -1.60 15.55 6.45
N CYS A 122 -1.79 14.52 7.30
CA CYS A 122 -0.88 13.38 7.28
C CYS A 122 -1.34 12.47 6.13
N ALA A 123 -0.44 12.26 5.15
CA ALA A 123 -0.71 11.48 3.95
C ALA A 123 -0.39 10.01 4.07
N ALA A 124 0.62 9.64 4.88
CA ALA A 124 1.06 8.24 4.96
C ALA A 124 1.89 7.95 6.20
N HIS A 125 2.04 6.64 6.52
CA HIS A 125 2.91 6.08 7.55
C HIS A 125 2.52 6.44 8.99
N TYR A 126 1.23 6.76 9.22
CA TYR A 126 0.71 6.92 10.56
C TYR A 126 -0.06 5.66 10.86
N THR A 127 0.26 5.03 11.97
CA THR A 127 -0.48 3.96 12.63
C THR A 127 -0.29 4.27 14.12
N PRO A 128 -1.32 4.10 14.97
CA PRO A 128 -1.11 4.40 16.39
C PRO A 128 -0.11 3.46 17.06
N ASN A 129 0.66 3.99 18.02
CA ASN A 129 1.54 3.23 18.92
C ASN A 129 0.65 3.03 20.17
N ALA A 130 1.08 2.18 21.12
CA ALA A 130 0.34 1.94 22.37
C ALA A 130 0.11 3.26 23.13
N GLY A 131 -1.07 3.41 23.71
CA GLY A 131 -1.43 4.61 24.45
C GLY A 131 -1.96 5.77 23.62
N ASP A 132 -2.00 5.62 22.28
CA ASP A 132 -2.53 6.67 21.40
C ASP A 132 -4.06 6.74 21.60
N THR A 133 -4.55 7.89 22.05
CA THR A 133 -5.97 8.08 22.33
C THR A 133 -6.73 8.75 21.16
N THR A 134 -6.08 8.91 20.01
CA THR A 134 -6.69 9.54 18.84
C THR A 134 -7.99 8.82 18.46
N VAL A 135 -9.02 9.60 18.23
CA VAL A 135 -10.34 9.16 17.83
C VAL A 135 -10.60 9.72 16.43
N LEU A 136 -11.18 8.89 15.54
CA LEU A 136 -11.60 9.32 14.20
C LEU A 136 -12.79 10.32 14.32
N GLN A 137 -12.68 11.49 13.67
CA GLN A 137 -13.69 12.53 13.71
C GLN A 137 -14.56 12.55 12.44
N TYR A 138 -15.75 13.11 12.55
CA TYR A 138 -16.69 13.24 11.46
C TYR A 138 -16.07 13.98 10.25
N ASP A 139 -15.28 15.04 10.53
CA ASP A 139 -14.61 15.85 9.51
C ASP A 139 -13.25 15.34 9.11
N ASP A 140 -12.85 14.17 9.57
CA ASP A 140 -11.54 13.64 9.19
C ASP A 140 -11.51 13.05 7.79
N ILE A 141 -10.33 13.05 7.19
CA ILE A 141 -10.05 12.38 5.92
C ILE A 141 -8.98 11.29 6.23
N CYS A 142 -9.41 10.02 6.23
CA CYS A 142 -8.59 8.89 6.66
C CYS A 142 -8.15 7.98 5.53
N LYS A 143 -6.85 7.81 5.35
CA LYS A 143 -6.26 6.96 4.31
C LYS A 143 -5.98 5.58 4.90
N ILE A 144 -6.83 4.61 4.53
CA ILE A 144 -6.67 3.24 4.98
C ILE A 144 -5.76 2.58 3.95
N ASP A 145 -4.53 2.24 4.37
CA ASP A 145 -3.54 1.61 3.48
C ASP A 145 -3.00 0.37 4.19
N PHE A 146 -3.37 -0.81 3.69
CA PHE A 146 -2.94 -2.07 4.32
C PHE A 146 -2.52 -3.06 3.27
N GLY A 147 -1.78 -4.05 3.71
CA GLY A 147 -1.23 -5.03 2.79
C GLY A 147 -1.26 -6.44 3.31
N THR A 148 -1.40 -7.35 2.36
CA THR A 148 -1.45 -8.79 2.59
C THR A 148 -0.40 -9.42 1.71
N HIS A 149 0.07 -10.61 2.09
CA HIS A 149 1.02 -11.32 1.23
C HIS A 149 0.86 -12.82 1.35
N ILE A 150 1.25 -13.52 0.29
CA ILE A 150 1.36 -14.97 0.22
C ILE A 150 2.76 -15.20 -0.33
N SER A 151 3.64 -15.86 0.45
CA SER A 151 5.03 -16.16 0.08
C SER A 151 5.76 -14.89 -0.36
N GLY A 152 5.48 -13.79 0.33
CA GLY A 152 6.07 -12.49 0.04
C GLY A 152 5.60 -11.83 -1.25
N ARG A 153 4.50 -12.33 -1.86
CA ARG A 153 3.90 -11.71 -3.05
C ARG A 153 2.88 -10.75 -2.45
N ILE A 154 3.26 -9.46 -2.44
CA ILE A 154 2.54 -8.39 -1.73
C ILE A 154 1.43 -7.69 -2.53
N ILE A 155 0.26 -7.50 -1.88
CA ILE A 155 -0.81 -6.65 -2.40
C ILE A 155 -0.78 -5.37 -1.56
N ASP A 156 -0.48 -4.25 -2.21
CA ASP A 156 -0.42 -2.90 -1.64
C ASP A 156 -1.64 -2.15 -2.24
N CYS A 157 -2.69 -1.96 -1.41
CA CYS A 157 -3.94 -1.37 -1.88
C CYS A 157 -4.53 -0.45 -0.77
N ALA A 158 -4.92 0.77 -1.19
CA ALA A 158 -5.36 1.81 -0.28
C ALA A 158 -6.52 2.62 -0.81
N PHE A 159 -7.33 3.15 0.12
CA PHE A 159 -8.49 3.96 -0.21
C PHE A 159 -8.68 5.05 0.87
N THR A 160 -9.46 6.09 0.55
CA THR A 160 -9.70 7.19 1.49
C THR A 160 -11.14 7.11 2.02
N VAL A 161 -11.29 7.30 3.33
CA VAL A 161 -12.57 7.25 4.04
C VAL A 161 -12.90 8.65 4.54
N THR A 162 -14.14 9.10 4.25
CA THR A 162 -14.66 10.40 4.72
C THR A 162 -16.13 10.21 5.17
N PHE A 163 -16.66 11.18 5.92
CA PHE A 163 -18.05 11.14 6.39
C PHE A 163 -18.77 12.42 5.97
N ASN A 164 -17.99 13.46 5.74
CA ASN A 164 -18.51 14.75 5.30
C ASN A 164 -18.45 14.84 3.76
N PRO A 165 -19.61 15.05 3.07
CA PRO A 165 -19.61 15.19 1.60
C PRO A 165 -18.77 16.35 1.03
N LYS A 166 -18.34 17.32 1.86
CA LYS A 166 -17.53 18.45 1.39
C LYS A 166 -16.20 18.00 0.74
N TYR A 167 -15.71 16.78 1.03
CA TYR A 167 -14.48 16.27 0.44
C TYR A 167 -14.71 15.44 -0.84
N ASP A 168 -15.97 15.20 -1.25
CA ASP A 168 -16.31 14.34 -2.41
C ASP A 168 -15.49 14.62 -3.69
N THR A 169 -15.36 15.90 -4.08
CA THR A 169 -14.62 16.23 -5.32
C THR A 169 -13.12 15.98 -5.13
N LEU A 170 -12.56 16.21 -3.92
CA LEU A 170 -11.14 15.93 -3.64
C LEU A 170 -10.87 14.41 -3.85
N LEU A 171 -11.76 13.56 -3.31
CA LEU A 171 -11.65 12.10 -3.45
C LEU A 171 -11.79 11.69 -4.92
N LYS A 172 -12.74 12.33 -5.65
CA LYS A 172 -12.94 11.99 -7.07
C LYS A 172 -11.69 12.35 -7.88
N ALA A 173 -11.08 13.49 -7.59
CA ALA A 173 -9.84 13.94 -8.29
C ALA A 173 -8.75 12.87 -8.18
N VAL A 174 -8.52 12.37 -6.96
CA VAL A 174 -7.44 11.42 -6.66
C VAL A 174 -7.77 10.04 -7.24
N LYS A 175 -9.05 9.63 -7.14
CA LYS A 175 -9.48 8.37 -7.72
C LYS A 175 -9.29 8.38 -9.24
N ASP A 176 -9.65 9.50 -9.90
CA ASP A 176 -9.53 9.65 -11.36
C ASP A 176 -8.04 9.65 -11.76
N ALA A 177 -7.19 10.33 -10.98
CA ALA A 177 -5.73 10.37 -11.22
C ALA A 177 -5.11 8.96 -11.10
N THR A 178 -5.56 8.17 -10.09
CA THR A 178 -5.11 6.78 -9.88
C THR A 178 -5.55 5.89 -11.06
N ASN A 179 -6.84 5.95 -11.45
CA ASN A 179 -7.35 5.18 -12.60
C ASN A 179 -6.58 5.57 -13.89
N THR A 180 -6.19 6.85 -14.03
CA THR A 180 -5.38 7.32 -15.17
C THR A 180 -4.02 6.62 -15.17
N GLY A 181 -3.36 6.59 -14.01
CA GLY A 181 -2.06 5.93 -13.81
C GLY A 181 -2.13 4.45 -14.17
N ILE A 182 -3.19 3.77 -13.69
CA ILE A 182 -3.46 2.36 -13.97
C ILE A 182 -3.60 2.12 -15.49
N LYS A 183 -4.37 3.01 -16.18
CA LYS A 183 -4.59 2.91 -17.64
C LYS A 183 -3.30 3.20 -18.42
N CYS A 184 -2.51 4.19 -17.97
CA CYS A 184 -1.28 4.62 -18.65
C CYS A 184 -0.14 3.64 -18.49
N ALA A 185 -0.09 2.90 -17.35
CA ALA A 185 0.95 1.90 -17.06
C ALA A 185 1.00 0.78 -18.12
N GLY A 186 2.20 0.24 -18.33
CA GLY A 186 2.44 -0.82 -19.29
C GLY A 186 3.90 -1.02 -19.60
N ILE A 187 4.23 -2.18 -20.18
CA ILE A 187 5.60 -2.54 -20.60
C ILE A 187 6.08 -1.49 -21.63
N ASP A 188 7.33 -1.00 -21.46
CA ASP A 188 8.02 0.00 -22.29
C ASP A 188 7.47 1.43 -22.13
N VAL A 189 6.57 1.68 -21.14
CA VAL A 189 6.03 3.02 -20.90
C VAL A 189 7.02 3.78 -20.00
N ARG A 190 7.30 5.07 -20.33
CA ARG A 190 8.20 5.91 -19.54
C ARG A 190 7.47 6.30 -18.26
N LEU A 191 8.15 6.12 -17.11
CA LEU A 191 7.61 6.43 -15.78
C LEU A 191 7.25 7.91 -15.65
N CYS A 192 8.00 8.80 -16.34
CA CYS A 192 7.72 10.24 -16.36
C CYS A 192 6.42 10.56 -17.09
N ASP A 193 6.04 9.74 -18.11
CA ASP A 193 4.79 9.91 -18.88
C ASP A 193 3.58 9.60 -17.99
N VAL A 194 3.68 8.54 -17.15
CA VAL A 194 2.64 8.13 -16.20
C VAL A 194 2.44 9.28 -15.21
N GLY A 195 3.55 9.85 -14.74
CA GLY A 195 3.57 10.99 -13.83
C GLY A 195 2.89 12.22 -14.37
N GLU A 196 3.25 12.62 -15.62
CA GLU A 196 2.65 13.77 -16.28
C GLU A 196 1.13 13.57 -16.51
N ALA A 197 0.70 12.36 -16.90
CA ALA A 197 -0.71 12.07 -17.16
C ALA A 197 -1.54 12.14 -15.86
N ILE A 198 -0.98 11.61 -14.75
CA ILE A 198 -1.57 11.63 -13.42
C ILE A 198 -1.77 13.10 -12.99
N GLN A 199 -0.70 13.94 -13.12
CA GLN A 199 -0.73 15.36 -12.75
C GLN A 199 -1.74 16.14 -13.55
N GLU A 200 -1.75 15.96 -14.89
CA GLU A 200 -2.69 16.62 -15.81
C GLU A 200 -4.15 16.36 -15.39
N VAL A 201 -4.47 15.12 -15.03
CA VAL A 201 -5.80 14.72 -14.56
C VAL A 201 -6.10 15.33 -13.18
N MET A 202 -5.20 15.15 -12.20
CA MET A 202 -5.46 15.66 -10.84
C MET A 202 -5.60 17.18 -10.78
N GLU A 203 -4.75 17.91 -11.52
CA GLU A 203 -4.77 19.36 -11.55
C GLU A 203 -5.91 19.97 -12.35
N SER A 204 -6.74 19.15 -13.03
CA SER A 204 -7.90 19.63 -13.76
C SER A 204 -9.06 19.84 -12.76
N TYR A 205 -8.91 19.37 -11.52
CA TYR A 205 -9.94 19.46 -10.48
C TYR A 205 -9.73 20.67 -9.56
N GLU A 206 -10.84 21.37 -9.29
CA GLU A 206 -10.88 22.46 -8.32
C GLU A 206 -11.92 22.09 -7.27
N VAL A 207 -11.62 22.38 -6.00
CA VAL A 207 -12.51 22.00 -4.90
C VAL A 207 -12.78 23.17 -3.96
N GLU A 208 -13.94 23.16 -3.31
CA GLU A 208 -14.32 24.18 -2.34
C GLU A 208 -14.60 23.48 -1.02
N ILE A 209 -13.84 23.85 0.03
CA ILE A 209 -13.96 23.29 1.38
C ILE A 209 -14.02 24.48 2.36
N ASP A 210 -15.15 24.61 3.07
CA ASP A 210 -15.46 25.66 4.05
C ASP A 210 -15.18 27.09 3.52
N GLY A 211 -15.71 27.36 2.34
CA GLY A 211 -15.62 28.66 1.67
C GLY A 211 -14.29 28.97 1.02
N LYS A 212 -13.32 28.04 1.06
CA LYS A 212 -12.02 28.24 0.44
C LYS A 212 -11.87 27.34 -0.77
N THR A 213 -11.31 27.87 -1.87
CA THR A 213 -11.12 27.10 -3.09
C THR A 213 -9.69 26.70 -3.25
N TYR A 214 -9.48 25.51 -3.84
CA TYR A 214 -8.15 24.95 -4.08
C TYR A 214 -8.12 24.20 -5.39
N GLN A 215 -6.94 24.16 -6.02
CA GLN A 215 -6.69 23.30 -7.16
C GLN A 215 -6.07 22.05 -6.48
N VAL A 216 -6.52 20.85 -6.85
CA VAL A 216 -5.99 19.61 -6.28
C VAL A 216 -4.58 19.44 -6.82
N LYS A 217 -3.61 19.27 -5.92
CA LYS A 217 -2.26 19.07 -6.38
C LYS A 217 -1.68 17.72 -5.93
N PRO A 218 -0.94 17.06 -6.83
CA PRO A 218 -0.34 15.77 -6.45
C PRO A 218 0.80 16.02 -5.46
N ILE A 219 0.99 15.10 -4.51
CA ILE A 219 2.09 15.23 -3.54
C ILE A 219 3.34 14.81 -4.29
N ARG A 220 4.14 15.81 -4.71
CA ARG A 220 5.31 15.65 -5.58
C ARG A 220 6.40 14.74 -5.03
N ASN A 221 6.54 14.60 -3.69
CA ASN A 221 7.58 13.73 -3.14
C ASN A 221 7.02 12.39 -2.64
N LEU A 222 5.76 12.07 -3.05
CA LEU A 222 5.14 10.76 -2.80
C LEU A 222 4.93 10.15 -4.17
N ASN A 223 5.01 8.81 -4.26
CA ASN A 223 4.93 8.15 -5.56
C ASN A 223 4.58 6.67 -5.52
N GLY A 224 4.19 6.16 -6.68
CA GLY A 224 4.01 4.73 -6.94
C GLY A 224 5.38 4.06 -7.03
N HIS A 225 5.42 2.73 -7.12
CA HIS A 225 6.69 2.00 -7.10
C HIS A 225 6.58 0.55 -7.53
N SER A 226 7.71 -0.01 -7.96
CA SER A 226 7.82 -1.43 -8.27
C SER A 226 7.85 -2.18 -6.94
N ILE A 227 7.34 -3.42 -6.93
CA ILE A 227 7.25 -4.33 -5.78
C ILE A 227 8.08 -5.58 -6.09
N GLY A 228 8.83 -6.04 -5.09
CA GLY A 228 9.64 -7.25 -5.15
C GLY A 228 9.20 -8.22 -4.07
N GLN A 229 9.70 -9.48 -4.12
CA GLN A 229 9.36 -10.49 -3.11
C GLN A 229 9.87 -10.06 -1.72
N TYR A 230 8.93 -9.88 -0.74
CA TYR A 230 9.18 -9.40 0.63
C TYR A 230 9.79 -7.98 0.63
N ARG A 231 9.64 -7.25 -0.51
CA ARG A 231 10.24 -5.94 -0.73
C ARG A 231 9.20 -4.98 -1.27
N ILE A 232 8.62 -4.15 -0.39
CA ILE A 232 7.57 -3.20 -0.73
C ILE A 232 8.02 -2.22 -1.86
N HIS A 233 9.29 -1.76 -1.83
CA HIS A 233 9.83 -0.91 -2.90
C HIS A 233 11.01 -1.67 -3.52
N ALA A 234 10.95 -1.99 -4.82
CA ALA A 234 11.99 -2.76 -5.50
C ALA A 234 12.97 -1.94 -6.37
N GLY A 235 12.91 -0.60 -6.29
CA GLY A 235 13.86 0.24 -7.03
C GLY A 235 13.35 1.26 -8.04
N LYS A 236 12.20 1.00 -8.67
CA LYS A 236 11.65 1.95 -9.64
C LYS A 236 10.53 2.80 -9.03
N THR A 237 10.59 4.13 -9.21
CA THR A 237 9.59 5.05 -8.68
C THR A 237 8.72 5.59 -9.80
N VAL A 238 7.38 5.59 -9.59
CA VAL A 238 6.41 6.10 -10.55
C VAL A 238 5.99 7.48 -10.01
N PRO A 239 6.51 8.60 -10.59
CA PRO A 239 6.12 9.92 -10.08
C PRO A 239 4.65 10.26 -10.31
N ILE A 240 4.16 11.29 -9.59
CA ILE A 240 2.76 11.70 -9.75
C ILE A 240 2.70 13.18 -10.19
N VAL A 241 3.85 13.77 -10.56
CA VAL A 241 3.99 15.12 -11.10
C VAL A 241 4.95 15.06 -12.30
N LYS A 242 4.97 16.12 -13.14
CA LYS A 242 5.90 16.22 -14.26
C LYS A 242 7.32 16.52 -13.71
N GLY A 243 8.33 16.26 -14.53
CA GLY A 243 9.73 16.49 -14.18
C GLY A 243 10.51 15.26 -13.79
N GLY A 244 9.84 14.10 -13.77
CA GLY A 244 10.43 12.83 -13.38
C GLY A 244 11.46 12.22 -14.32
N GLU A 245 11.82 10.94 -14.08
CA GLU A 245 12.81 10.20 -14.87
C GLU A 245 12.16 9.47 -16.05
N ALA A 246 12.85 9.42 -17.20
CA ALA A 246 12.35 8.75 -18.40
C ALA A 246 12.67 7.23 -18.46
N THR A 247 12.92 6.60 -17.29
CA THR A 247 13.13 5.16 -17.10
C THR A 247 11.79 4.46 -17.47
N ARG A 248 11.87 3.28 -18.10
CA ARG A 248 10.71 2.52 -18.57
C ARG A 248 10.31 1.32 -17.71
N MET A 249 9.00 0.97 -17.72
CA MET A 249 8.44 -0.21 -17.03
C MET A 249 8.85 -1.44 -17.86
N GLU A 250 9.06 -2.59 -17.20
CA GLU A 250 9.51 -3.82 -17.89
C GLU A 250 8.60 -5.01 -17.61
N GLU A 251 8.62 -6.01 -18.52
CA GLU A 251 7.85 -7.26 -18.47
C GLU A 251 8.13 -8.09 -17.22
N GLY A 252 7.06 -8.52 -16.56
CA GLY A 252 7.13 -9.34 -15.35
C GLY A 252 7.15 -8.56 -14.04
N GLU A 253 7.29 -7.23 -14.12
CA GLU A 253 7.34 -6.36 -12.96
C GLU A 253 5.98 -6.20 -12.32
N VAL A 254 5.95 -5.89 -11.02
CA VAL A 254 4.72 -5.69 -10.24
C VAL A 254 4.80 -4.27 -9.71
N TYR A 255 3.73 -3.50 -9.88
CA TYR A 255 3.74 -2.11 -9.41
C TYR A 255 2.58 -1.78 -8.52
N ALA A 256 2.84 -0.89 -7.55
CA ALA A 256 1.80 -0.28 -6.76
C ALA A 256 1.56 1.06 -7.49
N ILE A 257 0.38 1.21 -8.10
CA ILE A 257 0.02 2.44 -8.81
C ILE A 257 -0.82 3.22 -7.83
N GLU A 258 -0.27 4.34 -7.35
CA GLU A 258 -0.91 5.17 -6.34
C GLU A 258 -0.73 6.63 -6.56
N THR A 259 -1.73 7.41 -6.11
CA THR A 259 -1.64 8.86 -6.22
C THR A 259 -2.10 9.47 -4.92
N PHE A 260 -1.55 10.62 -4.62
CA PHE A 260 -1.90 11.41 -3.43
C PHE A 260 -2.25 12.81 -3.89
N GLY A 261 -3.39 13.30 -3.43
CA GLY A 261 -3.85 14.65 -3.70
C GLY A 261 -3.86 15.46 -2.42
N SER A 262 -3.55 16.74 -2.53
CA SER A 262 -3.51 17.64 -1.39
C SER A 262 -4.03 19.05 -1.68
N THR A 263 -4.67 19.68 -0.67
CA THR A 263 -5.12 21.07 -0.73
C THR A 263 -4.00 21.97 -0.15
N GLY A 264 -2.91 21.35 0.30
CA GLY A 264 -1.76 22.02 0.87
C GLY A 264 -0.70 22.41 -0.14
N LYS A 265 0.58 22.23 0.22
CA LYS A 265 1.73 22.56 -0.62
C LYS A 265 2.01 21.53 -1.71
N GLY A 266 1.51 20.30 -1.54
CA GLY A 266 1.79 19.21 -2.47
C GLY A 266 3.16 18.61 -2.21
N VAL A 267 3.65 18.74 -0.98
CA VAL A 267 4.94 18.20 -0.51
C VAL A 267 4.78 17.74 0.96
N VAL A 268 5.36 16.59 1.29
CA VAL A 268 5.29 16.03 2.65
C VAL A 268 6.66 16.10 3.35
N HIS A 269 6.65 16.18 4.68
CA HIS A 269 7.85 16.19 5.54
C HIS A 269 7.60 15.25 6.72
N ASP A 270 8.68 14.67 7.30
CA ASP A 270 8.60 13.78 8.47
C ASP A 270 8.02 14.54 9.66
N ASP A 271 6.98 14.01 10.31
CA ASP A 271 6.40 14.67 11.49
C ASP A 271 5.82 13.65 12.44
N MET A 272 5.54 14.07 13.71
CA MET A 272 4.92 13.23 14.75
C MET A 272 5.83 12.06 15.18
N GLU A 273 5.35 11.23 16.12
CA GLU A 273 6.07 10.09 16.66
C GLU A 273 6.13 8.99 15.59
N CYS A 274 7.30 8.33 15.44
CA CYS A 274 7.43 7.22 14.48
C CYS A 274 6.75 5.95 14.97
N SER A 275 6.11 5.22 14.05
CA SER A 275 5.45 3.93 14.32
C SER A 275 5.93 2.83 13.39
N HIS A 276 6.33 3.18 12.14
CA HIS A 276 6.71 2.22 11.11
C HIS A 276 8.22 2.08 11.02
N TYR A 277 8.66 0.82 10.90
CA TYR A 277 10.08 0.44 10.79
C TYR A 277 10.21 -0.71 9.80
N MET A 278 11.37 -0.84 9.17
CA MET A 278 11.61 -1.92 8.22
C MET A 278 13.11 -2.16 8.06
N LYS A 279 13.52 -3.43 8.11
CA LYS A 279 14.91 -3.86 7.96
C LYS A 279 15.39 -3.45 6.57
N ASN A 280 16.62 -2.90 6.49
CA ASN A 280 17.21 -2.46 5.23
C ASN A 280 17.54 -3.71 4.41
N PHE A 281 17.00 -3.78 3.18
CA PHE A 281 17.19 -4.91 2.27
C PHE A 281 18.65 -5.17 1.85
N ASP A 282 19.47 -4.11 1.80
CA ASP A 282 20.87 -4.20 1.33
C ASP A 282 21.90 -4.49 2.43
N VAL A 283 21.44 -4.71 3.67
CA VAL A 283 22.33 -5.03 4.80
C VAL A 283 22.30 -6.54 5.02
N GLY A 284 23.48 -7.16 4.97
CA GLY A 284 23.63 -8.59 5.17
C GLY A 284 23.61 -9.00 6.62
N HIS A 285 24.42 -10.01 6.97
CA HIS A 285 24.46 -10.47 8.35
C HIS A 285 25.35 -9.56 9.18
N VAL A 286 24.82 -9.10 10.32
CA VAL A 286 25.56 -8.25 11.26
C VAL A 286 25.57 -8.94 12.65
N PRO A 287 26.73 -9.45 13.11
CA PRO A 287 26.75 -10.08 14.44
C PRO A 287 26.55 -9.03 15.54
N ILE A 288 25.63 -9.29 16.48
CA ILE A 288 25.36 -8.37 17.58
C ILE A 288 25.53 -9.12 18.90
N ARG A 289 26.36 -8.55 19.81
CA ARG A 289 26.58 -9.10 21.14
C ARG A 289 25.63 -8.44 22.14
N LEU A 290 25.32 -7.11 21.98
CA LEU A 290 24.44 -6.33 22.88
C LEU A 290 23.13 -7.12 23.07
N PRO A 291 22.83 -7.65 24.29
CA PRO A 291 21.71 -8.61 24.45
C PRO A 291 20.31 -8.15 24.05
N ARG A 292 19.84 -6.97 24.49
CA ARG A 292 18.49 -6.50 24.14
C ARG A 292 18.39 -6.22 22.65
N THR A 293 19.47 -5.62 22.08
CA THR A 293 19.54 -5.32 20.64
C THR A 293 19.55 -6.60 19.82
N LYS A 294 20.35 -7.61 20.24
CA LYS A 294 20.45 -8.92 19.59
C LYS A 294 19.08 -9.60 19.59
N HIS A 295 18.42 -9.63 20.77
CA HIS A 295 17.08 -10.22 20.92
C HIS A 295 16.07 -9.61 19.99
N LEU A 296 15.99 -8.26 19.95
CA LEU A 296 15.04 -7.58 19.09
C LEU A 296 15.28 -7.87 17.62
N LEU A 297 16.58 -7.87 17.19
CA LEU A 297 16.87 -8.18 15.78
C LEU A 297 16.41 -9.61 15.46
N ASN A 298 16.65 -10.58 16.38
CA ASN A 298 16.18 -11.96 16.18
C ASN A 298 14.63 -12.02 16.06
N VAL A 299 13.91 -11.25 16.89
CA VAL A 299 12.43 -11.15 16.82
C VAL A 299 12.00 -10.62 15.41
N ILE A 300 12.67 -9.56 14.92
CA ILE A 300 12.41 -8.95 13.61
C ILE A 300 12.66 -9.97 12.49
N ASN A 301 13.83 -10.63 12.53
CA ASN A 301 14.21 -11.63 11.50
C ASN A 301 13.24 -12.82 11.45
N GLU A 302 12.77 -13.28 12.62
CA GLU A 302 11.83 -14.39 12.70
C GLU A 302 10.41 -14.03 12.25
N ASN A 303 9.90 -12.87 12.66
CA ASN A 303 8.50 -12.50 12.43
C ASN A 303 8.23 -11.64 11.22
N PHE A 304 9.18 -10.79 10.81
CA PHE A 304 8.96 -9.86 9.71
C PHE A 304 9.91 -10.00 8.53
N GLY A 305 11.15 -10.43 8.78
CA GLY A 305 12.16 -10.47 7.73
C GLY A 305 12.37 -9.05 7.25
N THR A 306 12.17 -8.82 5.93
CA THR A 306 12.30 -7.49 5.31
C THR A 306 10.95 -6.76 5.14
N LEU A 307 9.87 -7.31 5.72
CA LEU A 307 8.57 -6.64 5.64
C LEU A 307 8.55 -5.58 6.71
N ALA A 308 7.82 -4.47 6.44
CA ALA A 308 7.66 -3.41 7.42
C ALA A 308 6.84 -3.89 8.63
N PHE A 309 7.18 -3.35 9.79
CA PHE A 309 6.49 -3.64 11.05
C PHE A 309 6.26 -2.34 11.81
N CYS A 310 5.49 -2.43 12.91
CA CYS A 310 5.19 -1.29 13.77
C CYS A 310 5.39 -1.68 15.24
N ARG A 311 5.44 -0.68 16.12
CA ARG A 311 5.59 -0.92 17.56
C ARG A 311 4.44 -1.73 18.13
N ARG A 312 3.19 -1.53 17.65
CA ARG A 312 2.04 -2.33 18.18
C ARG A 312 2.27 -3.82 17.97
N TRP A 313 2.87 -4.17 16.82
CA TRP A 313 3.14 -5.58 16.51
C TRP A 313 4.19 -6.18 17.42
N LEU A 314 5.19 -5.36 17.83
CA LEU A 314 6.20 -5.83 18.80
C LEU A 314 5.53 -6.05 20.18
N ASP A 315 4.62 -5.13 20.58
CA ASP A 315 3.84 -5.27 21.82
C ASP A 315 3.01 -6.57 21.77
N ARG A 316 2.34 -6.83 20.62
CA ARG A 316 1.53 -8.03 20.41
C ARG A 316 2.36 -9.33 20.54
N LEU A 317 3.66 -9.29 20.15
CA LEU A 317 4.55 -10.46 20.29
C LEU A 317 5.05 -10.64 21.73
N GLY A 318 4.64 -9.74 22.63
CA GLY A 318 5.03 -9.80 24.04
C GLY A 318 6.33 -9.11 24.36
N GLU A 319 6.82 -8.26 23.45
CA GLU A 319 8.07 -7.53 23.69
C GLU A 319 7.81 -6.28 24.51
N SER A 320 8.76 -5.89 25.38
CA SER A 320 8.66 -4.66 26.15
C SER A 320 10.04 -4.06 26.36
N LYS A 321 10.11 -2.75 26.69
CA LYS A 321 11.36 -2.00 26.94
C LYS A 321 12.35 -2.24 25.77
N TYR A 322 11.83 -2.15 24.53
CA TYR A 322 12.59 -2.41 23.31
C TYR A 322 12.95 -1.14 22.55
N LEU A 323 12.47 0.05 23.00
CA LEU A 323 12.69 1.32 22.28
C LEU A 323 14.17 1.64 22.08
N MET A 324 15.01 1.42 23.11
CA MET A 324 16.44 1.70 22.95
C MET A 324 17.10 0.70 21.99
N ALA A 325 16.70 -0.61 22.10
CA ALA A 325 17.19 -1.68 21.20
C ALA A 325 16.81 -1.34 19.75
N LEU A 326 15.57 -0.81 19.54
CA LEU A 326 15.06 -0.39 18.22
C LEU A 326 15.85 0.80 17.68
N LYS A 327 16.15 1.80 18.54
CA LYS A 327 16.95 2.96 18.16
C LYS A 327 18.38 2.52 17.77
N ASN A 328 18.95 1.52 18.51
CA ASN A 328 20.29 0.98 18.22
C ASN A 328 20.31 0.39 16.81
N LEU A 329 19.28 -0.42 16.47
CA LEU A 329 19.16 -1.01 15.12
C LEU A 329 19.05 0.04 14.03
N CYS A 330 18.35 1.16 14.31
CA CYS A 330 18.23 2.28 13.37
C CYS A 330 19.59 2.97 13.22
N ASP A 331 20.29 3.25 14.35
CA ASP A 331 21.62 3.89 14.32
C ASP A 331 22.67 3.02 13.63
N LEU A 332 22.56 1.68 13.74
CA LEU A 332 23.47 0.74 13.09
C LEU A 332 23.21 0.62 11.56
N GLY A 333 22.09 1.15 11.07
CA GLY A 333 21.70 1.06 9.67
C GLY A 333 21.06 -0.26 9.28
N ILE A 334 20.77 -1.13 10.28
CA ILE A 334 20.14 -2.44 10.06
C ILE A 334 18.63 -2.25 9.79
N VAL A 335 18.00 -1.35 10.56
CA VAL A 335 16.59 -1.02 10.43
C VAL A 335 16.46 0.46 10.05
N ASP A 336 15.46 0.81 9.23
CA ASP A 336 15.18 2.20 8.87
C ASP A 336 13.83 2.64 9.48
N PRO A 337 13.74 3.86 10.08
CA PRO A 337 12.43 4.34 10.56
C PRO A 337 11.66 4.97 9.39
N TYR A 338 10.32 4.91 9.42
CA TYR A 338 9.48 5.52 8.36
C TYR A 338 8.44 6.37 9.07
N PRO A 339 8.81 7.58 9.51
CA PRO A 339 7.86 8.39 10.31
C PRO A 339 6.69 8.93 9.50
N PRO A 340 5.56 9.37 10.14
CA PRO A 340 4.46 9.97 9.37
C PRO A 340 4.93 11.10 8.48
N LEU A 341 4.38 11.12 7.25
CA LEU A 341 4.68 12.11 6.20
C LEU A 341 3.50 13.05 6.09
N CYS A 342 3.72 14.33 6.45
CA CYS A 342 2.68 15.34 6.52
C CYS A 342 2.86 16.51 5.57
N ASP A 343 1.73 17.03 5.07
CA ASP A 343 1.73 18.28 4.32
C ASP A 343 1.49 19.35 5.42
N ILE A 344 1.32 20.60 5.04
CA ILE A 344 1.13 21.73 5.93
C ILE A 344 -0.09 21.58 6.85
N LYS A 345 -0.03 22.10 8.08
CA LYS A 345 -1.15 22.09 9.04
C LYS A 345 -2.38 22.74 8.38
N GLY A 346 -3.56 22.14 8.53
CA GLY A 346 -4.79 22.66 7.95
C GLY A 346 -5.11 22.14 6.56
N SER A 347 -4.16 21.43 5.92
CA SER A 347 -4.38 20.87 4.57
C SER A 347 -5.08 19.48 4.62
N TYR A 348 -5.68 19.07 3.49
CA TYR A 348 -6.35 17.76 3.36
C TYR A 348 -5.70 16.94 2.28
N THR A 349 -5.34 15.68 2.61
CA THR A 349 -4.70 14.75 1.69
C THR A 349 -5.58 13.53 1.47
N ALA A 350 -5.56 12.97 0.27
CA ALA A 350 -6.37 11.79 -0.10
C ALA A 350 -5.48 10.86 -0.91
N GLN A 351 -5.77 9.55 -0.88
CA GLN A 351 -4.97 8.53 -1.57
C GLN A 351 -5.85 7.40 -2.09
N PHE A 352 -5.49 6.89 -3.27
CA PHE A 352 -6.07 5.68 -3.86
C PHE A 352 -4.93 4.89 -4.47
N GLU A 353 -4.96 3.56 -4.30
CA GLU A 353 -3.87 2.70 -4.72
C GLU A 353 -4.36 1.30 -5.08
N HIS A 354 -3.78 0.75 -6.15
CA HIS A 354 -4.00 -0.61 -6.59
C HIS A 354 -2.65 -1.25 -6.92
N THR A 355 -2.58 -2.59 -6.86
CA THR A 355 -1.41 -3.36 -7.27
C THR A 355 -1.70 -3.92 -8.66
N ILE A 356 -0.72 -3.78 -9.57
CA ILE A 356 -0.84 -4.29 -10.92
C ILE A 356 0.31 -5.26 -11.27
N LEU A 357 -0.01 -6.29 -12.07
CA LEU A 357 0.94 -7.30 -12.54
C LEU A 357 1.18 -7.06 -14.02
N LEU A 358 2.46 -6.79 -14.39
CA LEU A 358 2.80 -6.59 -15.81
C LEU A 358 3.14 -7.95 -16.42
N ARG A 359 2.10 -8.79 -16.58
CA ARG A 359 2.21 -10.14 -17.14
C ARG A 359 2.57 -10.10 -18.64
N PRO A 360 3.34 -11.08 -19.17
CA PRO A 360 3.70 -11.03 -20.60
C PRO A 360 2.54 -10.99 -21.60
N THR A 361 1.34 -11.49 -21.21
CA THR A 361 0.14 -11.57 -22.06
C THR A 361 -0.79 -10.37 -21.92
N CYS A 362 -0.94 -9.84 -20.68
CA CYS A 362 -1.85 -8.74 -20.38
C CYS A 362 -1.42 -7.98 -19.11
N LYS A 363 -2.10 -6.85 -18.83
CA LYS A 363 -1.90 -6.07 -17.61
C LYS A 363 -3.05 -6.43 -16.66
N GLU A 364 -2.73 -7.00 -15.49
CA GLU A 364 -3.76 -7.41 -14.52
C GLU A 364 -3.77 -6.52 -13.29
N VAL A 365 -4.89 -5.81 -13.08
CA VAL A 365 -5.12 -4.98 -11.90
C VAL A 365 -5.63 -5.99 -10.86
N VAL A 366 -4.68 -6.76 -10.31
CA VAL A 366 -4.90 -7.89 -9.43
C VAL A 366 -5.70 -7.51 -8.16
N SER A 367 -5.54 -6.29 -7.63
CA SER A 367 -6.29 -5.89 -6.44
C SER A 367 -7.73 -5.39 -6.72
N ARG A 368 -8.06 -5.11 -7.99
CA ARG A 368 -9.41 -4.63 -8.33
C ARG A 368 -10.39 -5.82 -8.40
C1 7BF B . 9.61 3.59 1.60
C2 7BF B . 9.27 4.93 1.69
C3 7BF B . 10.14 5.94 1.23
O4 7BF B . 8.77 2.60 2.02
C7 7BF B . 11.74 4.28 0.55
C8 7BF B . 12.99 3.90 -0.02
C10 7BF B . 12.52 1.64 0.35
C11 7BF B . 11.29 1.88 0.92
C12 7BF B . 7.20 1.48 3.47
C13 7BF B . 7.99 0.84 4.63
C14 7BF B . 7.27 1.42 5.88
C15 7BF B . 5.81 1.59 5.42
C20 7BF B . 2.21 1.42 2.98
C21 7BF B . 3.38 1.44 3.76
C22 7BF B . 3.50 1.66 1.05
N23 7BF B . 4.68 1.71 1.78
N26 7BF B . 3.84 1.79 -0.21
C5 7BF B . 11.35 5.63 0.66
C6 7BF B . 10.86 3.23 1.03
N9 7BF B . 13.31 2.62 -0.10
N16 7BF B . 5.79 1.59 3.94
C17 7BF B . 7.79 2.83 3.04
C18 7BF B . 4.63 1.58 3.16
N19 7BF B . 2.31 1.51 1.67
N24 7BF B . 5.71 1.87 0.84
C25 7BF B . 5.15 1.91 -0.34
MN MN C . 2.57 1.81 -2.04
MN MN D . 0.28 1.50 0.22
#